data_6DNJ
#
_entry.id   6DNJ
#
_cell.length_a   97.350
_cell.length_b   97.350
_cell.length_c   156.171
_cell.angle_alpha   90.00
_cell.angle_beta   90.00
_cell.angle_gamma   120.00
#
_symmetry.space_group_name_H-M   'P 61 2 2'
#
loop_
_entity.id
_entity.type
_entity.pdbx_description
1 polymer 'Kemp eliminase KE07'
2 non-polymer (4S)-2-METHYL-2,4-PENTANEDIOL
3 non-polymer 5-nitro-1,2-benzoxazole
4 water water
#
_entity_poly.entity_id   1
_entity_poly.type   'polypeptide(L)'
_entity_poly.pdbx_seq_one_letter_code
;MALAKRIDAALIMKDGRVVKGSNFENLRDSGDPVELGKFYSEIGIDELSFWDITASVEKRKTMLELVEKVAEQIDIPFTV
GGGIHDFETASELILRGADKVEINTAAVENPSLITQIAQTFGSQAVVVYIAAKRVDGEFMVFTYSGKKNTGILLRDWVVE
VEKRGAGEIVLGSIDRLGTKSGYDTEMIRFVRPLTTLPIIAHRGAGKMEHFLEAFLAGADAAKADSVFHFREIDVRELKE
YLKKHGVNVRLEGLGSLEHHHHHH
;
_entity_poly.pdbx_strand_id   A
#
loop_
_chem_comp.id
_chem_comp.type
_chem_comp.name
_chem_comp.formula
H5J non-polymer 5-nitro-1,2-benzoxazole 'C7 H4 N2 O3'
MPD non-polymer (4S)-2-METHYL-2,4-PENTANEDIOL 'C6 H14 O2'
#
# COMPACT_ATOMS: atom_id res chain seq x y z
N LEU A 3 4.84 12.96 -13.20
CA LEU A 3 5.42 11.57 -13.33
C LEU A 3 4.43 10.48 -13.73
N ALA A 4 5.02 9.34 -14.09
CA ALA A 4 4.28 8.16 -14.50
C ALA A 4 3.40 7.69 -13.36
N LYS A 5 2.18 7.30 -13.71
CA LYS A 5 1.28 6.65 -12.77
C LYS A 5 1.81 5.26 -12.46
N ARG A 6 1.69 4.85 -11.20
CA ARG A 6 2.31 3.64 -10.68
C ARG A 6 1.25 2.56 -10.41
N ILE A 7 1.56 1.32 -10.73
CA ILE A 7 0.73 0.17 -10.37
C ILE A 7 1.45 -0.67 -9.30
N ASP A 8 0.83 -0.79 -8.13
CA ASP A 8 1.37 -1.54 -6.99
C ASP A 8 0.58 -2.81 -6.73
N ALA A 9 1.28 -3.86 -6.30
CA ALA A 9 0.63 -5.07 -5.80
C ALA A 9 0.94 -5.26 -4.33
N ALA A 10 -0.12 -5.53 -3.55
CA ALA A 10 0.00 -5.81 -2.13
C ALA A 10 -0.18 -7.30 -1.86
N LEU A 11 0.69 -7.84 -1.02
CA LEU A 11 0.65 -9.25 -0.61
C LEU A 11 0.44 -9.33 0.90
N ILE A 12 -0.68 -9.92 1.30
CA ILE A 12 -0.98 -10.13 2.72
C ILE A 12 -0.37 -11.46 3.13
N MET A 13 0.39 -11.45 4.22
CA MET A 13 1.17 -12.61 4.66
C MET A 13 0.93 -12.95 6.13
N LYS A 14 0.92 -14.25 6.44
CA LYS A 14 0.76 -14.74 7.82
C LYS A 14 1.62 -15.98 7.98
N ASP A 15 2.42 -15.99 9.04
CA ASP A 15 3.38 -17.07 9.32
C ASP A 15 4.26 -17.42 8.11
N GLY A 16 4.70 -16.39 7.38
CA GLY A 16 5.60 -16.52 6.22
C GLY A 16 4.97 -16.93 4.89
N ARG A 17 3.63 -16.97 4.84
CA ARG A 17 2.88 -17.43 3.66
C ARG A 17 1.95 -16.35 3.15
N VAL A 18 1.72 -16.34 1.83
CA VAL A 18 0.72 -15.45 1.23
C VAL A 18 -0.64 -15.98 1.61
N VAL A 19 -1.42 -15.19 2.35
CA VAL A 19 -2.76 -15.58 2.79
C VAL A 19 -3.69 -15.72 1.58
N LYS A 20 -4.27 -16.92 1.45
CA LYS A 20 -5.08 -17.34 0.30
C LYS A 20 -4.32 -17.50 -1.04
N GLY A 21 -3.00 -17.35 -1.04
CA GLY A 21 -2.15 -17.73 -2.17
C GLY A 21 -2.40 -16.97 -3.47
N SER A 22 -2.26 -17.67 -4.59
CA SER A 22 -2.49 -17.10 -5.92
C SER A 22 -2.75 -18.21 -6.93
N ASN A 23 -3.27 -17.80 -8.10
CA ASN A 23 -3.70 -18.75 -9.16
C ASN A 23 -2.68 -18.90 -10.28
N PHE A 24 -1.44 -18.48 -10.03
CA PHE A 24 -0.35 -18.63 -11.01
C PHE A 24 0.22 -20.06 -10.94
N GLU A 25 -0.32 -20.94 -11.79
CA GLU A 25 0.10 -22.36 -11.84
C GLU A 25 1.56 -22.56 -12.26
N ASN A 26 2.12 -21.59 -12.97
CA ASN A 26 3.52 -21.62 -13.37
C ASN A 26 4.49 -21.55 -12.18
N LEU A 27 4.05 -21.02 -11.03
CA LEU A 27 4.92 -20.88 -9.86
C LEU A 27 5.16 -22.23 -9.17
N ARG A 28 6.38 -22.43 -8.68
CA ARG A 28 6.71 -23.62 -7.85
C ARG A 28 5.80 -23.67 -6.63
N ASP A 29 5.75 -22.55 -5.92
CA ASP A 29 4.92 -22.37 -4.74
C ASP A 29 4.19 -21.03 -4.88
N SER A 30 2.91 -21.10 -5.23
CA SER A 30 2.09 -19.93 -5.49
C SER A 30 1.70 -19.15 -4.22
N GLY A 31 1.95 -19.76 -3.05
CA GLY A 31 1.81 -19.08 -1.74
C GLY A 31 3.11 -18.57 -1.11
N ASP A 32 4.22 -18.65 -1.85
CA ASP A 32 5.52 -18.13 -1.43
C ASP A 32 5.56 -16.65 -1.79
N PRO A 33 5.62 -15.76 -0.78
CA PRO A 33 5.60 -14.33 -1.09
C PRO A 33 6.81 -13.82 -1.88
N VAL A 34 7.96 -14.48 -1.74
CA VAL A 34 9.16 -14.11 -2.48
C VAL A 34 9.05 -14.44 -3.97
N GLU A 35 8.62 -15.65 -4.28
CA GLU A 35 8.50 -16.09 -5.68
C GLU A 35 7.37 -15.33 -6.37
N LEU A 36 6.24 -15.15 -5.66
CA LEU A 36 5.12 -14.37 -6.19
C LEU A 36 5.51 -12.92 -6.46
N GLY A 37 6.18 -12.30 -5.49
CA GLY A 37 6.68 -10.94 -5.63
C GLY A 37 7.64 -10.78 -6.81
N LYS A 38 8.57 -11.72 -6.93
CA LYS A 38 9.51 -11.73 -8.06
C LYS A 38 8.79 -11.82 -9.41
N PHE A 39 7.80 -12.71 -9.49
CA PHE A 39 7.00 -12.87 -10.72
C PHE A 39 6.30 -11.56 -11.10
N TYR A 40 5.68 -10.90 -10.11
CA TYR A 40 5.04 -9.60 -10.35
C TYR A 40 6.01 -8.54 -10.86
N SER A 41 7.21 -8.53 -10.29
CA SER A 41 8.24 -7.57 -10.71
C SER A 41 8.68 -7.80 -12.16
N GLU A 42 8.57 -9.04 -12.64
CA GLU A 42 8.93 -9.39 -14.03
C GLU A 42 7.84 -9.07 -15.05
N ILE A 43 6.57 -9.11 -14.65
CA ILE A 43 5.47 -8.91 -15.61
C ILE A 43 4.92 -7.49 -15.68
N GLY A 44 5.40 -6.60 -14.82
CA GLY A 44 5.13 -5.16 -14.94
C GLY A 44 4.60 -4.40 -13.72
N ILE A 45 4.55 -5.04 -12.55
CA ILE A 45 4.24 -4.31 -11.31
C ILE A 45 5.40 -3.35 -11.02
N ASP A 46 5.06 -2.13 -10.62
CA ASP A 46 6.06 -1.08 -10.39
C ASP A 46 6.65 -1.13 -9.00
N GLU A 47 5.81 -1.30 -7.99
CA GLU A 47 6.26 -1.44 -6.58
C GLU A 47 5.43 -2.50 -5.87
N LEU A 48 6.03 -3.14 -4.88
CA LEU A 48 5.36 -4.15 -4.06
C LEU A 48 5.14 -3.68 -2.63
N SER A 49 4.05 -4.15 -2.04
CA SER A 49 3.77 -3.95 -0.62
C SER A 49 3.59 -5.30 0.03
N PHE A 50 4.31 -5.54 1.11
CA PHE A 50 4.19 -6.77 1.89
C PHE A 50 3.62 -6.45 3.25
N TRP A 51 2.47 -7.05 3.56
CA TRP A 51 1.72 -6.76 4.77
C TRP A 51 1.61 -8.00 5.64
N ASP A 52 2.21 -7.94 6.83
CA ASP A 52 2.31 -9.08 7.73
C ASP A 52 1.26 -9.03 8.83
N ILE A 53 0.60 -10.18 9.07
CA ILE A 53 -0.39 -10.32 10.15
C ILE A 53 -0.07 -11.54 11.04
N THR A 54 1.21 -11.86 11.13
CA THR A 54 1.72 -12.92 12.01
C THR A 54 1.37 -12.51 13.45
N ALA A 55 0.47 -13.28 14.09
CA ALA A 55 -0.06 -12.88 15.38
C ALA A 55 0.90 -13.29 16.48
N SER A 56 1.06 -12.32 17.35
CA SER A 56 2.35 -11.95 17.94
C SER A 56 3.55 -12.91 17.72
N VAL A 57 4.37 -13.01 18.78
CA VAL A 57 5.37 -14.04 19.00
C VAL A 57 6.53 -14.07 17.97
N GLU A 58 6.31 -14.70 16.83
CA GLU A 58 7.35 -14.85 15.79
C GLU A 58 7.38 -13.66 14.82
N LYS A 59 6.49 -12.69 15.02
CA LYS A 59 6.28 -11.61 14.04
C LYS A 59 7.54 -10.84 13.63
N ARG A 60 8.30 -10.37 14.62
CA ARG A 60 9.45 -9.49 14.34
C ARG A 60 10.52 -10.19 13.49
N LYS A 61 10.89 -11.40 13.90
CA LYS A 61 11.85 -12.23 13.18
C LYS A 61 11.31 -12.62 11.80
N THR A 62 10.01 -12.93 11.73
CA THR A 62 9.36 -13.31 10.47
C THR A 62 9.40 -12.18 9.44
N MET A 63 9.07 -10.97 9.87
CA MET A 63 9.10 -9.81 8.98
C MET A 63 10.51 -9.45 8.53
N LEU A 64 11.48 -9.61 9.43
CA LEU A 64 12.89 -9.33 9.09
C LEU A 64 13.45 -10.33 8.07
N GLU A 65 13.12 -11.61 8.26
CA GLU A 65 13.50 -12.64 7.28
C GLU A 65 12.83 -12.47 5.93
N LEU A 66 11.56 -12.05 5.94
CA LEU A 66 10.84 -11.75 4.71
C LEU A 66 11.55 -10.64 3.91
N VAL A 67 11.87 -9.50 4.54
N VAL A 67 11.84 -9.53 4.57
CA VAL A 67 12.49 -8.38 3.81
CA VAL A 67 12.50 -8.39 3.96
C VAL A 67 13.93 -8.69 3.36
C VAL A 67 13.85 -8.80 3.34
N GLU A 68 14.64 -9.56 4.10
CA GLU A 68 15.96 -10.02 3.66
C GLU A 68 15.85 -10.88 2.39
N LYS A 69 14.90 -11.82 2.38
CA LYS A 69 14.70 -12.70 1.21
C LYS A 69 14.20 -11.94 -0.01
N VAL A 70 13.25 -11.02 0.19
CA VAL A 70 12.71 -10.18 -0.88
C VAL A 70 13.80 -9.32 -1.51
N ALA A 71 14.60 -8.66 -0.67
CA ALA A 71 15.65 -7.75 -1.15
C ALA A 71 16.70 -8.42 -2.04
N GLU A 72 17.05 -9.66 -1.69
CA GLU A 72 17.95 -10.50 -2.50
C GLU A 72 17.43 -10.73 -3.92
N GLN A 73 16.13 -11.01 -4.03
CA GLN A 73 15.53 -11.50 -5.28
C GLN A 73 14.88 -10.47 -6.20
N ILE A 74 14.34 -9.38 -5.65
CA ILE A 74 13.60 -8.42 -6.48
C ILE A 74 14.41 -7.12 -6.60
N ASP A 75 14.22 -6.41 -7.71
CA ASP A 75 14.94 -5.19 -8.01
C ASP A 75 14.03 -3.99 -8.23
N ILE A 76 12.79 -4.07 -7.79
CA ILE A 76 11.90 -2.90 -7.80
C ILE A 76 11.69 -2.49 -6.34
N PRO A 77 11.25 -1.25 -6.11
CA PRO A 77 11.05 -0.82 -4.71
C PRO A 77 9.97 -1.61 -4.00
N PHE A 78 10.14 -1.83 -2.70
CA PHE A 78 9.08 -2.43 -1.92
C PHE A 78 8.90 -1.83 -0.54
N THR A 79 7.70 -2.04 -0.03
N THR A 79 7.65 -1.87 -0.08
CA THR A 79 7.26 -1.49 1.23
CA THR A 79 7.29 -1.47 1.29
C THR A 79 6.88 -2.67 2.14
C THR A 79 7.01 -2.70 2.13
N VAL A 80 7.16 -2.53 3.44
CA VAL A 80 6.75 -3.54 4.42
C VAL A 80 5.88 -2.84 5.47
N GLY A 81 4.83 -3.53 5.92
CA GLY A 81 3.93 -2.98 6.91
C GLY A 81 3.22 -4.06 7.69
N GLY A 82 2.49 -3.64 8.72
CA GLY A 82 1.69 -4.54 9.53
C GLY A 82 2.16 -4.48 10.95
N GLY A 83 1.56 -3.60 11.74
CA GLY A 83 1.88 -3.50 13.16
C GLY A 83 3.28 -2.97 13.48
N ILE A 84 3.81 -2.10 12.62
CA ILE A 84 5.05 -1.39 12.91
C ILE A 84 4.74 -0.24 13.87
N HIS A 85 5.23 -0.36 15.10
CA HIS A 85 4.79 0.49 16.23
C HIS A 85 5.78 1.52 16.75
N ASP A 86 7.05 1.42 16.36
CA ASP A 86 8.06 2.36 16.82
C ASP A 86 9.21 2.51 15.82
N PHE A 87 10.10 3.45 16.11
CA PHE A 87 11.23 3.74 15.25
C PHE A 87 12.18 2.55 15.09
N GLU A 88 12.53 1.89 16.19
CA GLU A 88 13.50 0.79 16.12
C GLU A 88 13.02 -0.38 15.26
N THR A 89 11.71 -0.67 15.31
CA THR A 89 11.15 -1.70 14.45
C THR A 89 11.22 -1.31 12.97
N ALA A 90 10.82 -0.06 12.66
CA ALA A 90 10.94 0.49 11.31
C ALA A 90 12.38 0.51 10.81
N SER A 91 13.29 0.97 11.67
CA SER A 91 14.71 1.05 11.35
C SER A 91 15.28 -0.30 10.94
N GLU A 92 15.07 -1.32 11.76
CA GLU A 92 15.61 -2.64 11.46
C GLU A 92 15.09 -3.24 10.16
N LEU A 93 13.82 -2.98 9.84
CA LEU A 93 13.23 -3.45 8.57
C LEU A 93 13.82 -2.74 7.36
N ILE A 94 14.04 -1.42 7.46
CA ILE A 94 14.67 -0.67 6.37
C ILE A 94 16.12 -1.10 6.17
N LEU A 95 16.88 -1.21 7.26
CA LEU A 95 18.27 -1.62 7.17
C LEU A 95 18.44 -3.03 6.60
N ARG A 96 17.52 -3.93 6.94
CA ARG A 96 17.56 -5.30 6.45
C ARG A 96 17.19 -5.45 4.97
N GLY A 97 16.57 -4.42 4.38
CA GLY A 97 16.32 -4.41 2.94
C GLY A 97 15.14 -3.64 2.39
N ALA A 98 14.15 -3.32 3.22
CA ALA A 98 12.97 -2.61 2.73
C ALA A 98 13.32 -1.19 2.32
N ASP A 99 12.67 -0.72 1.25
CA ASP A 99 12.85 0.66 0.80
C ASP A 99 12.00 1.63 1.61
N LYS A 100 10.81 1.17 1.99
CA LYS A 100 9.86 2.00 2.72
C LYS A 100 9.16 1.18 3.80
N VAL A 101 8.67 1.87 4.82
CA VAL A 101 7.77 1.29 5.80
C VAL A 101 6.41 1.94 5.69
N GLU A 102 5.37 1.15 5.94
N GLU A 102 5.38 1.13 5.90
CA GLU A 102 3.95 1.57 5.84
CA GLU A 102 4.03 1.61 5.92
C GLU A 102 3.29 1.46 7.22
C GLU A 102 3.49 1.51 7.33
N ILE A 103 2.91 2.62 7.78
CA ILE A 103 2.39 2.73 9.15
C ILE A 103 1.01 3.37 9.12
N ASN A 104 0.17 2.99 10.08
CA ASN A 104 -1.18 3.54 10.20
C ASN A 104 -1.48 3.85 11.67
N THR A 105 -1.88 2.83 12.44
CA THR A 105 -2.36 3.04 13.80
C THR A 105 -1.33 3.73 14.69
N ALA A 106 -0.07 3.30 14.61
CA ALA A 106 0.98 3.89 15.43
C ALA A 106 1.26 5.35 15.09
N ALA A 107 1.09 5.70 13.80
CA ALA A 107 1.24 7.09 13.37
C ALA A 107 0.12 7.98 13.87
N VAL A 108 -1.12 7.48 13.82
CA VAL A 108 -2.26 8.24 14.33
C VAL A 108 -2.08 8.52 15.83
N GLU A 109 -1.66 7.50 16.58
CA GLU A 109 -1.49 7.63 18.03
C GLU A 109 -0.29 8.45 18.44
N ASN A 110 0.77 8.44 17.62
CA ASN A 110 1.95 9.25 17.86
C ASN A 110 2.47 9.79 16.51
N PRO A 111 1.93 10.93 16.05
CA PRO A 111 2.35 11.46 14.74
C PRO A 111 3.83 11.82 14.62
N SER A 112 4.53 12.04 15.73
CA SER A 112 5.97 12.27 15.71
C SER A 112 6.76 11.06 15.20
N LEU A 113 6.17 9.85 15.26
CA LEU A 113 6.79 8.65 14.65
C LEU A 113 7.10 8.85 13.17
N ILE A 114 6.22 9.54 12.45
CA ILE A 114 6.42 9.86 11.04
C ILE A 114 7.73 10.64 10.88
N THR A 115 7.85 11.71 11.67
CA THR A 115 9.01 12.59 11.63
C THR A 115 10.29 11.87 12.05
N GLN A 116 10.20 11.06 13.10
CA GLN A 116 11.36 10.32 13.62
C GLN A 116 11.95 9.36 12.58
N ILE A 117 11.10 8.63 11.87
CA ILE A 117 11.57 7.73 10.81
C ILE A 117 12.16 8.55 9.66
N ALA A 118 11.46 9.62 9.25
CA ALA A 118 11.94 10.49 8.16
C ALA A 118 13.27 11.20 8.44
N GLN A 119 13.55 11.55 9.70
N GLN A 119 13.50 11.54 9.71
CA GLN A 119 14.80 12.25 10.05
CA GLN A 119 14.75 12.18 10.16
C GLN A 119 16.05 11.37 9.89
C GLN A 119 15.98 11.36 9.76
N THR A 120 15.90 10.05 9.92
CA THR A 120 17.01 9.12 9.63
C THR A 120 16.98 8.58 8.20
N PHE A 121 15.79 8.22 7.70
CA PHE A 121 15.66 7.48 6.44
C PHE A 121 15.08 8.28 5.27
N GLY A 122 14.77 9.55 5.53
CA GLY A 122 14.15 10.42 4.52
C GLY A 122 12.64 10.24 4.45
N SER A 123 11.96 11.29 4.00
CA SER A 123 10.51 11.24 3.81
C SER A 123 10.09 10.12 2.86
N GLN A 124 10.89 9.88 1.81
CA GLN A 124 10.55 8.85 0.81
C GLN A 124 10.48 7.42 1.37
N ALA A 125 11.05 7.18 2.56
CA ALA A 125 10.95 5.88 3.23
C ALA A 125 9.69 5.71 4.10
N VAL A 126 8.87 6.75 4.25
CA VAL A 126 7.71 6.73 5.14
C VAL A 126 6.42 6.84 4.33
N VAL A 127 5.63 5.77 4.38
CA VAL A 127 4.31 5.70 3.75
C VAL A 127 3.29 5.65 4.89
N VAL A 128 2.33 6.58 4.90
CA VAL A 128 1.24 6.52 5.86
C VAL A 128 -0.01 5.97 5.18
N TYR A 129 -0.50 4.84 5.68
CA TYR A 129 -1.76 4.27 5.23
C TYR A 129 -2.89 4.92 6.04
N ILE A 130 -3.81 5.56 5.33
CA ILE A 130 -5.00 6.16 5.96
C ILE A 130 -6.24 5.36 5.54
N ALA A 131 -6.84 4.68 6.50
CA ALA A 131 -8.11 3.97 6.33
C ALA A 131 -9.23 4.93 6.72
N ALA A 132 -10.10 5.23 5.77
CA ALA A 132 -11.17 6.22 5.98
C ALA A 132 -12.53 5.69 5.59
N LYS A 133 -13.56 6.25 6.23
CA LYS A 133 -14.95 5.82 6.02
C LYS A 133 -15.88 7.00 6.26
N ARG A 134 -17.01 7.01 5.54
CA ARG A 134 -18.05 8.01 5.75
C ARG A 134 -18.81 7.71 7.04
N VAL A 135 -18.89 8.71 7.92
CA VAL A 135 -19.69 8.62 9.15
C VAL A 135 -20.44 9.92 9.34
N ASP A 136 -21.77 9.83 9.35
CA ASP A 136 -22.64 11.02 9.49
C ASP A 136 -22.26 12.13 8.51
N GLY A 137 -21.95 11.75 7.27
CA GLY A 137 -21.60 12.70 6.23
C GLY A 137 -20.20 13.33 6.21
N GLU A 138 -19.29 12.84 7.05
N GLU A 138 -19.29 12.76 6.98
CA GLU A 138 -17.89 13.29 7.07
CA GLU A 138 -17.91 13.24 7.05
C GLU A 138 -16.98 12.09 6.82
C GLU A 138 -16.96 12.08 6.85
N PHE A 139 -15.83 12.32 6.18
CA PHE A 139 -14.78 11.30 6.06
C PHE A 139 -13.99 11.26 7.37
N MET A 140 -14.05 10.12 8.05
CA MET A 140 -13.36 9.89 9.34
C MET A 140 -12.22 8.88 9.19
N VAL A 141 -11.19 9.04 10.02
CA VAL A 141 -10.02 8.17 10.05
C VAL A 141 -10.27 7.02 11.03
N PHE A 142 -9.98 5.79 10.59
CA PHE A 142 -10.14 4.58 11.38
C PHE A 142 -8.82 3.87 11.61
N THR A 143 -8.66 3.33 12.82
CA THR A 143 -7.46 2.58 13.21
C THR A 143 -7.84 1.17 13.67
N TYR A 144 -6.82 0.37 13.96
CA TYR A 144 -6.97 -1.01 14.43
C TYR A 144 -7.74 -1.87 13.42
N SER A 145 -7.24 -1.88 12.19
CA SER A 145 -7.84 -2.66 11.10
C SER A 145 -9.32 -2.37 10.90
N GLY A 146 -9.68 -1.09 10.95
CA GLY A 146 -11.05 -0.63 10.76
C GLY A 146 -11.96 -0.71 11.98
N LYS A 147 -11.43 -1.15 13.12
CA LYS A 147 -12.26 -1.35 14.32
C LYS A 147 -12.61 -0.08 15.08
N LYS A 148 -11.75 0.94 15.00
CA LYS A 148 -11.91 2.16 15.81
C LYS A 148 -12.09 3.40 14.96
N ASN A 149 -13.24 4.08 15.12
CA ASN A 149 -13.43 5.44 14.64
C ASN A 149 -12.68 6.37 15.58
N THR A 150 -11.63 7.01 15.08
CA THR A 150 -10.79 7.89 15.89
C THR A 150 -11.47 9.22 16.22
N GLY A 151 -12.49 9.59 15.44
CA GLY A 151 -13.06 10.92 15.52
C GLY A 151 -12.23 12.01 14.85
N ILE A 152 -11.14 11.62 14.18
CA ILE A 152 -10.26 12.56 13.49
C ILE A 152 -10.74 12.66 12.04
N LEU A 153 -10.96 13.87 11.56
CA LEU A 153 -11.37 14.10 10.18
C LEU A 153 -10.25 13.76 9.22
N LEU A 154 -10.61 13.08 8.13
CA LEU A 154 -9.67 12.78 7.04
C LEU A 154 -8.94 14.04 6.57
N ARG A 155 -9.68 15.14 6.42
CA ARG A 155 -9.11 16.42 5.99
C ARG A 155 -7.96 16.87 6.91
N ASP A 156 -8.18 16.79 8.22
CA ASP A 156 -7.19 17.23 9.20
C ASP A 156 -5.97 16.30 9.24
N TRP A 157 -6.21 15.00 9.13
CA TRP A 157 -5.13 14.02 9.24
C TRP A 157 -4.20 14.06 8.01
N VAL A 158 -4.77 14.24 6.81
CA VAL A 158 -3.95 14.36 5.59
C VAL A 158 -2.96 15.53 5.69
N VAL A 159 -3.44 16.67 6.19
CA VAL A 159 -2.61 17.87 6.34
C VAL A 159 -1.51 17.65 7.38
N GLU A 160 -1.85 17.00 8.48
CA GLU A 160 -0.90 16.70 9.54
C GLU A 160 0.18 15.71 9.09
N VAL A 161 -0.24 14.68 8.35
CA VAL A 161 0.68 13.66 7.80
C VAL A 161 1.77 14.30 6.92
N GLU A 162 1.38 15.22 6.05
CA GLU A 162 2.35 15.94 5.22
C GLU A 162 3.24 16.83 6.08
N LYS A 163 2.64 17.55 7.02
CA LYS A 163 3.39 18.40 7.94
C LYS A 163 4.47 17.63 8.72
N ARG A 164 4.13 16.41 9.16
CA ARG A 164 5.04 15.58 9.95
C ARG A 164 6.19 14.97 9.13
N GLY A 165 6.11 15.02 7.80
CA GLY A 165 7.20 14.58 6.92
C GLY A 165 7.03 13.26 6.22
N ALA A 166 5.80 12.76 6.08
CA ALA A 166 5.56 11.54 5.30
C ALA A 166 5.87 11.76 3.82
N GLY A 167 6.25 10.68 3.15
CA GLY A 167 6.58 10.70 1.73
C GLY A 167 5.40 10.46 0.82
N GLU A 168 4.53 9.52 1.20
CA GLU A 168 3.36 9.14 0.43
C GLU A 168 2.19 8.80 1.33
N ILE A 169 0.98 8.91 0.78
CA ILE A 169 -0.24 8.51 1.47
C ILE A 169 -0.94 7.42 0.69
N VAL A 170 -1.20 6.28 1.34
CA VAL A 170 -2.12 5.28 0.80
C VAL A 170 -3.50 5.57 1.37
N LEU A 171 -4.46 5.78 0.48
CA LEU A 171 -5.81 6.16 0.87
C LEU A 171 -6.72 4.95 0.65
N GLY A 172 -7.01 4.26 1.75
CA GLY A 172 -7.80 3.03 1.73
C GLY A 172 -9.23 3.32 2.13
N SER A 173 -10.18 3.05 1.24
CA SER A 173 -11.59 3.27 1.53
C SER A 173 -12.20 2.04 2.18
N ILE A 174 -12.52 2.14 3.46
CA ILE A 174 -13.26 1.07 4.16
C ILE A 174 -14.66 0.87 3.53
N ASP A 175 -15.24 1.93 2.98
CA ASP A 175 -16.51 1.83 2.22
C ASP A 175 -16.42 0.95 0.95
N ARG A 176 -15.21 0.59 0.49
CA ARG A 176 -15.01 -0.32 -0.66
C ARG A 176 -14.36 -1.67 -0.31
N LEU A 177 -14.13 -1.93 0.97
CA LEU A 177 -13.58 -3.21 1.42
C LEU A 177 -14.39 -4.38 0.89
N GLY A 178 -13.72 -5.30 0.22
CA GLY A 178 -14.36 -6.53 -0.28
C GLY A 178 -15.19 -6.34 -1.53
N THR A 179 -15.34 -5.10 -1.99
CA THR A 179 -16.16 -4.80 -3.15
C THR A 179 -15.31 -4.84 -4.41
N LYS A 180 -15.99 -4.91 -5.55
CA LYS A 180 -15.35 -4.90 -6.85
C LYS A 180 -16.04 -3.87 -7.75
N SER A 181 -16.56 -2.80 -7.15
CA SER A 181 -17.33 -1.75 -7.83
C SER A 181 -16.50 -0.57 -8.35
N GLY A 182 -15.25 -0.48 -7.89
CA GLY A 182 -14.36 0.60 -8.28
C GLY A 182 -13.70 1.23 -7.07
N TYR A 183 -12.62 1.95 -7.32
CA TYR A 183 -11.99 2.76 -6.28
C TYR A 183 -12.94 3.87 -5.85
N ASP A 184 -12.74 4.35 -4.63
CA ASP A 184 -13.54 5.44 -4.07
C ASP A 184 -13.05 6.77 -4.65
N THR A 185 -13.48 7.07 -5.87
CA THR A 185 -13.01 8.26 -6.58
C THR A 185 -13.46 9.56 -5.91
N GLU A 186 -14.63 9.57 -5.26
CA GLU A 186 -15.05 10.72 -4.46
C GLU A 186 -14.04 11.02 -3.35
N MET A 187 -13.64 9.98 -2.63
CA MET A 187 -12.63 10.14 -1.55
C MET A 187 -11.30 10.65 -2.10
N ILE A 188 -10.88 10.11 -3.25
CA ILE A 188 -9.60 10.54 -3.85
C ILE A 188 -9.68 12.01 -4.25
N ARG A 189 -10.78 12.41 -4.89
CA ARG A 189 -10.99 13.82 -5.27
C ARG A 189 -11.08 14.77 -4.07
N PHE A 190 -11.61 14.28 -2.96
CA PHE A 190 -11.66 15.06 -1.71
C PHE A 190 -10.27 15.34 -1.16
N VAL A 191 -9.41 14.31 -1.18
CA VAL A 191 -8.05 14.43 -0.63
C VAL A 191 -7.08 15.19 -1.56
N ARG A 192 -7.25 15.04 -2.86
CA ARG A 192 -6.27 15.60 -3.84
C ARG A 192 -5.83 17.06 -3.60
N PRO A 193 -6.80 18.00 -3.40
CA PRO A 193 -6.39 19.40 -3.18
C PRO A 193 -5.75 19.68 -1.83
N LEU A 194 -5.83 18.73 -0.88
CA LEU A 194 -5.32 18.93 0.48
C LEU A 194 -3.85 18.61 0.68
N THR A 195 -3.22 17.95 -0.30
CA THR A 195 -1.84 17.50 -0.15
C THR A 195 -1.09 17.52 -1.47
N THR A 196 0.21 17.80 -1.37
CA THR A 196 1.13 17.70 -2.52
C THR A 196 1.75 16.31 -2.63
N LEU A 197 1.53 15.45 -1.64
CA LEU A 197 2.14 14.13 -1.62
C LEU A 197 1.51 13.19 -2.64
N PRO A 198 2.28 12.18 -3.09
CA PRO A 198 1.67 11.11 -3.88
C PRO A 198 0.55 10.41 -3.14
N ILE A 199 -0.58 10.23 -3.82
CA ILE A 199 -1.74 9.52 -3.30
C ILE A 199 -1.84 8.17 -4.01
N ILE A 200 -1.85 7.10 -3.21
CA ILE A 200 -2.01 5.74 -3.70
C ILE A 200 -3.40 5.24 -3.33
N ALA A 201 -4.23 4.94 -4.33
CA ALA A 201 -5.58 4.43 -4.10
C ALA A 201 -5.54 2.96 -3.67
N HIS A 202 -6.42 2.60 -2.73
CA HIS A 202 -6.57 1.20 -2.31
C HIS A 202 -8.04 0.88 -1.97
N ARG A 203 -8.44 -0.36 -2.28
N ARG A 203 -8.43 -0.35 -2.33
CA ARG A 203 -9.79 -0.91 -2.02
CA ARG A 203 -9.73 -0.98 -2.05
C ARG A 203 -10.77 -0.58 -3.14
C ARG A 203 -10.82 -0.59 -3.06
N GLY A 204 -11.46 -1.62 -3.62
CA GLY A 204 -12.56 -1.46 -4.57
C GLY A 204 -12.32 -1.87 -6.01
N ALA A 205 -11.06 -2.06 -6.39
CA ALA A 205 -10.72 -2.42 -7.77
C ALA A 205 -11.29 -3.80 -8.14
N GLY A 206 -11.83 -3.88 -9.33
CA GLY A 206 -12.50 -5.08 -9.88
C GLY A 206 -12.21 -5.32 -11.36
N LYS A 207 -11.99 -4.25 -12.12
CA LYS A 207 -11.68 -4.33 -13.54
C LYS A 207 -10.73 -3.18 -13.93
N MET A 208 -10.17 -3.28 -15.14
CA MET A 208 -9.13 -2.35 -15.62
C MET A 208 -9.58 -0.88 -15.65
N GLU A 209 -10.84 -0.66 -16.00
CA GLU A 209 -11.41 0.68 -16.12
C GLU A 209 -11.42 1.42 -14.79
N HIS A 210 -11.49 0.70 -13.68
CA HIS A 210 -11.42 1.30 -12.35
C HIS A 210 -10.08 2.01 -12.08
N PHE A 211 -9.00 1.49 -12.66
CA PHE A 211 -7.67 2.12 -12.52
C PHE A 211 -7.64 3.45 -13.27
N LEU A 212 -8.20 3.47 -14.48
CA LEU A 212 -8.33 4.70 -15.25
C LEU A 212 -9.12 5.75 -14.46
N GLU A 213 -10.25 5.33 -13.90
CA GLU A 213 -11.10 6.20 -13.06
C GLU A 213 -10.34 6.81 -11.87
N ALA A 214 -9.57 5.98 -11.18
CA ALA A 214 -8.75 6.44 -10.05
C ALA A 214 -7.71 7.49 -10.46
N PHE A 215 -7.07 7.28 -11.60
CA PHE A 215 -6.08 8.24 -12.10
C PHE A 215 -6.71 9.56 -12.57
N LEU A 216 -7.91 9.49 -13.16
CA LEU A 216 -8.67 10.71 -13.47
C LEU A 216 -9.06 11.50 -12.21
N ALA A 217 -9.29 10.77 -11.11
CA ALA A 217 -9.61 11.38 -9.81
C ALA A 217 -8.42 12.07 -9.13
N GLY A 218 -7.21 11.81 -9.61
CA GLY A 218 -6.01 12.46 -9.09
C GLY A 218 -5.03 11.56 -8.37
N ALA A 219 -5.29 10.25 -8.33
CA ALA A 219 -4.35 9.31 -7.74
C ALA A 219 -3.05 9.28 -8.55
N ASP A 220 -1.92 9.16 -7.84
CA ASP A 220 -0.61 9.00 -8.45
C ASP A 220 -0.22 7.54 -8.62
N ALA A 221 -0.88 6.67 -7.88
CA ALA A 221 -0.69 5.22 -7.97
C ALA A 221 -1.97 4.52 -7.57
N ALA A 222 -2.05 3.24 -7.94
CA ALA A 222 -3.18 2.40 -7.60
C ALA A 222 -2.67 1.07 -7.11
N LYS A 223 -3.09 0.68 -5.92
CA LYS A 223 -2.67 -0.57 -5.29
C LYS A 223 -3.85 -1.54 -5.25
N ALA A 224 -3.56 -2.82 -5.52
CA ALA A 224 -4.55 -3.89 -5.43
C ALA A 224 -3.86 -5.18 -5.04
N ASP A 225 -4.66 -6.21 -4.78
CA ASP A 225 -4.14 -7.45 -4.22
C ASP A 225 -4.87 -8.64 -4.85
N SER A 226 -6.04 -8.99 -4.33
CA SER A 226 -6.77 -10.20 -4.78
C SER A 226 -7.17 -10.19 -6.26
N VAL A 227 -7.45 -9.01 -6.85
CA VAL A 227 -7.74 -8.96 -8.30
C VAL A 227 -6.57 -9.45 -9.14
N PHE A 228 -5.35 -9.19 -8.65
CA PHE A 228 -4.14 -9.70 -9.33
C PHE A 228 -3.85 -11.16 -8.96
N HIS A 229 -3.92 -11.50 -7.67
CA HIS A 229 -3.55 -12.86 -7.20
C HIS A 229 -4.45 -13.94 -7.77
N PHE A 230 -5.74 -13.64 -7.88
CA PHE A 230 -6.72 -14.58 -8.43
C PHE A 230 -6.99 -14.34 -9.92
N ARG A 231 -6.24 -13.42 -10.52
CA ARG A 231 -6.15 -13.25 -11.98
C ARG A 231 -7.45 -12.78 -12.62
N GLU A 232 -8.16 -11.91 -11.91
CA GLU A 232 -9.31 -11.19 -12.43
C GLU A 232 -8.83 -10.06 -13.35
N ILE A 233 -7.66 -9.49 -13.05
CA ILE A 233 -6.99 -8.52 -13.92
C ILE A 233 -5.56 -9.00 -14.16
N ASP A 234 -5.16 -9.00 -15.44
CA ASP A 234 -3.78 -9.29 -15.83
C ASP A 234 -2.99 -7.99 -15.82
N VAL A 235 -1.80 -8.00 -15.23
CA VAL A 235 -1.03 -6.78 -15.01
C VAL A 235 -0.54 -6.15 -16.33
N ARG A 236 -0.05 -6.99 -17.25
CA ARG A 236 0.40 -6.50 -18.56
C ARG A 236 -0.80 -5.94 -19.34
N GLU A 237 -1.93 -6.64 -19.36
CA GLU A 237 -3.13 -6.14 -20.03
C GLU A 237 -3.59 -4.79 -19.46
N LEU A 238 -3.52 -4.66 -18.14
CA LEU A 238 -3.85 -3.42 -17.47
C LEU A 238 -2.98 -2.26 -17.93
N LYS A 239 -1.66 -2.47 -17.95
CA LYS A 239 -0.76 -1.42 -18.41
C LYS A 239 -0.94 -1.05 -19.88
N GLU A 240 -1.22 -2.05 -20.71
CA GLU A 240 -1.49 -1.81 -22.14
C GLU A 240 -2.79 -1.01 -22.30
N TYR A 241 -3.79 -1.35 -21.48
CA TYR A 241 -5.08 -0.65 -21.48
C TYR A 241 -4.90 0.82 -21.07
N LEU A 242 -4.19 1.04 -19.96
CA LEU A 242 -3.96 2.41 -19.48
C LEU A 242 -3.20 3.27 -20.47
N LYS A 243 -2.16 2.69 -21.09
CA LYS A 243 -1.39 3.42 -22.11
C LYS A 243 -2.24 3.80 -23.32
N LYS A 244 -3.06 2.85 -23.78
CA LYS A 244 -4.00 3.07 -24.90
C LYS A 244 -4.90 4.31 -24.71
N HIS A 245 -5.37 4.50 -23.47
CA HIS A 245 -6.28 5.59 -23.15
C HIS A 245 -5.61 6.83 -22.52
N GLY A 246 -4.31 6.97 -22.77
CA GLY A 246 -3.60 8.21 -22.53
C GLY A 246 -2.94 8.37 -21.17
N VAL A 247 -2.92 7.30 -20.37
CA VAL A 247 -2.29 7.35 -19.05
C VAL A 247 -0.80 7.08 -19.20
N ASN A 248 0.02 7.90 -18.56
CA ASN A 248 1.47 7.70 -18.56
C ASN A 248 1.86 6.62 -17.54
N VAL A 249 2.06 5.40 -18.03
CA VAL A 249 2.53 4.28 -17.23
C VAL A 249 3.80 3.71 -17.86
N ARG A 250 4.60 3.03 -17.05
CA ARG A 250 5.86 2.43 -17.53
C ARG A 250 5.62 1.06 -18.17
N LEU A 251 5.97 0.93 -19.44
CA LEU A 251 5.98 -0.37 -20.15
C LEU A 251 7.45 -0.85 -20.22
N GLU A 252 7.63 -2.15 -20.45
CA GLU A 252 8.92 -2.83 -20.15
C GLU A 252 10.07 -2.32 -21.01
C1 MPD B . -1.18 -0.27 7.42
C2 MPD B . -1.20 -1.74 7.02
O2 MPD B . 0.12 -2.14 6.64
CM MPD B . -1.53 -2.57 8.26
C3 MPD B . -2.13 -1.95 5.80
C4 MPD B . -3.39 -2.72 6.02
O4 MPD B . -4.25 -2.16 7.03
C5 MPD B . -4.14 -2.74 4.71
OAB H5J C . 0.15 -4.37 6.68
NAL H5J C . -1.10 -4.82 7.15
OAA H5J C . -1.49 -6.22 7.26
CAI H5J C . -1.95 -3.92 7.57
CAF H5J C . -1.85 -2.60 7.13
CAJ H5J C . -2.70 -1.69 7.57
CAE H5J C . -2.79 -0.39 7.30
NAG H5J C . -3.81 0.11 7.99
OAH H5J C . -4.35 -0.90 8.70
CAK H5J C . -3.66 -2.02 8.44
CAD H5J C . -3.79 -3.25 8.90
CAC H5J C . -2.94 -4.25 8.48
#